data_2HL6
#
_entry.id   2HL6
#
_cell.length_a   145.520
_cell.length_b   51.700
_cell.length_c   99.588
_cell.angle_alpha   90.000
_cell.angle_beta   127.980
_cell.angle_gamma   90.000
#
_symmetry.space_group_name_H-M   'C 1 2 1'
#
loop_
_entity.id
_entity.type
_entity.pdbx_description
1 polymer 'Feruloyl esterase A'
2 branched alpha-D-mannopyranose-(1-2)-alpha-D-mannopyranose-(1-3)-beta-D-mannopyranose-(1-4)-2-acetamido-2-deoxy-beta-D-glucopyranose-(1-4)-2-acetamido-2-deoxy-beta-D-glucopyranose
3 branched beta-D-mannopyranose-(1-4)-2-acetamido-2-deoxy-beta-D-glucopyranose-(1-4)-2-acetamido-2-deoxy-beta-D-glucopyranose
4 non-polymer 'SULFATE ION'
5 non-polymer 1,2-ETHANEDIOL
6 non-polymer '3-CYCLOHEXYL-1-PROPYLSULFONIC ACID'
7 water water
#
_entity_poly.entity_id   1
_entity_poly.type   'polypeptide(L)'
_entity_poly.pdbx_seq_one_letter_code
;ASTQGISEDLYNRLVEMATISQAAYADLCNIPSTIIKGEKIYNAQTDINGWILRDDTSKEIITVFRGTGSDTNLQLDTNY
TLTPFDTLPQCNDCEVHGGYYIGWISVQDQVESLVKQQASQYPDYALTVTGHSLGASMAALTAAQLSATYDNVRLYTFGE
PRSGNQAFASYMNDAFQVSSPETTQYFRVTHSNDGIPNLPPAEQGYAHGGVEYWSVDPYSAQNTFVCTGDEVQCCEAQGG
QGVNDAHTTYFGMTSGACTW
;
_entity_poly.pdbx_strand_id   A,B
#
# COMPACT_ATOMS: atom_id res chain seq x y z
N ALA A 1 33.51 2.31 17.33
CA ALA A 1 34.22 1.44 16.35
C ALA A 1 33.22 0.91 15.35
N SER A 2 33.71 0.50 14.19
CA SER A 2 32.86 0.08 13.09
C SER A 2 33.51 -0.94 12.20
N THR A 3 32.68 -1.76 11.58
CA THR A 3 33.10 -2.67 10.52
C THR A 3 32.09 -2.55 9.39
N GLN A 4 32.49 -2.91 8.18
CA GLN A 4 31.60 -2.83 7.04
C GLN A 4 31.17 -4.22 6.59
N GLY A 5 29.85 -4.38 6.47
CA GLY A 5 29.25 -5.56 5.90
C GLY A 5 28.58 -6.44 6.92
N ILE A 6 27.41 -6.99 6.57
CA ILE A 6 26.70 -7.95 7.44
C ILE A 6 26.37 -9.16 6.59
N SER A 7 25.98 -10.24 7.25
CA SER A 7 25.58 -11.46 6.55
C SER A 7 24.31 -11.21 5.76
N GLU A 8 24.15 -11.92 4.66
CA GLU A 8 22.90 -11.91 3.92
C GLU A 8 21.70 -12.29 4.78
N ASP A 9 21.88 -13.27 5.66
CA ASP A 9 20.78 -13.70 6.51
C ASP A 9 20.34 -12.56 7.43
N LEU A 10 21.29 -11.86 8.05
CA LEU A 10 20.93 -10.73 8.90
C LEU A 10 20.33 -9.62 8.07
N TYR A 11 20.94 -9.30 6.94
CA TYR A 11 20.40 -8.27 6.05
C TYR A 11 18.95 -8.55 5.68
N ASN A 12 18.67 -9.77 5.25
CA ASN A 12 17.29 -10.11 4.89
C ASN A 12 16.33 -10.00 6.07
N ARG A 13 16.79 -10.29 7.26
CA ARG A 13 15.99 -10.08 8.46
C ARG A 13 15.65 -8.61 8.73
N LEU A 14 16.65 -7.75 8.57
CA LEU A 14 16.45 -6.31 8.73
C LEU A 14 15.47 -5.80 7.69
N VAL A 15 15.58 -6.29 6.46
CA VAL A 15 14.67 -5.89 5.40
C VAL A 15 13.25 -6.32 5.70
N GLU A 16 13.12 -7.56 6.19
CA GLU A 16 11.80 -8.08 6.54
C GLU A 16 11.11 -7.23 7.61
N MET A 17 11.87 -6.86 8.64
CA MET A 17 11.28 -6.04 9.71
C MET A 17 11.05 -4.59 9.28
C MET A 17 11.05 -4.59 9.28
N ALA A 18 11.90 -4.07 8.40
CA ALA A 18 11.68 -2.73 7.81
C ALA A 18 10.38 -2.74 6.98
N THR A 19 10.12 -3.86 6.29
CA THR A 19 8.91 -3.96 5.46
C THR A 19 7.67 -3.88 6.34
N ILE A 20 7.66 -4.66 7.42
CA ILE A 20 6.53 -4.66 8.35
C ILE A 20 6.35 -3.26 8.94
N SER A 21 7.45 -2.63 9.33
CA SER A 21 7.40 -1.31 9.94
C SER A 21 6.87 -0.26 8.98
N GLN A 22 7.31 -0.31 7.71
CA GLN A 22 6.84 0.67 6.72
C GLN A 22 5.40 0.36 6.27
N ALA A 23 4.99 -0.89 6.30
CA ALA A 23 3.61 -1.25 5.97
C ALA A 23 2.64 -0.89 7.08
N ALA A 24 3.12 -0.72 8.30
CA ALA A 24 2.27 -0.31 9.40
C ALA A 24 1.56 1.04 9.20
N TYR A 25 2.10 1.86 8.30
CA TYR A 25 1.46 3.12 7.93
C TYR A 25 0.26 2.96 7.00
N ALA A 26 0.03 1.75 6.50
CA ALA A 26 -1.04 1.48 5.54
C ALA A 26 -1.70 0.13 5.80
N ASP A 27 -2.09 -0.07 7.06
CA ASP A 27 -2.85 -1.27 7.49
C ASP A 27 -2.13 -2.57 7.12
N LEU A 28 -0.79 -2.53 7.24
CA LEU A 28 0.07 -3.68 7.00
C LEU A 28 -0.11 -4.24 5.58
N CYS A 29 -0.17 -3.33 4.61
CA CYS A 29 -0.24 -3.70 3.20
C CYS A 29 0.90 -4.58 2.78
N ASN A 30 0.60 -5.64 2.03
CA ASN A 30 1.61 -6.37 1.27
C ASN A 30 2.75 -6.97 2.11
N ILE A 31 2.43 -7.33 3.34
CA ILE A 31 3.41 -8.06 4.15
C ILE A 31 3.42 -9.54 3.74
N PRO A 32 4.50 -10.27 4.07
CA PRO A 32 4.56 -11.68 3.69
C PRO A 32 3.35 -12.52 4.09
N SER A 33 3.04 -13.49 3.23
CA SER A 33 1.96 -14.44 3.43
C SER A 33 2.18 -15.32 4.65
N THR A 34 3.43 -15.47 5.10
CA THR A 34 3.74 -16.26 6.29
C THR A 34 3.30 -15.60 7.61
N ILE A 35 2.83 -14.36 7.55
CA ILE A 35 2.40 -13.65 8.75
C ILE A 35 0.89 -13.71 8.91
N ILE A 36 0.44 -14.04 10.13
CA ILE A 36 -0.97 -13.98 10.49
C ILE A 36 -1.18 -12.67 11.25
N LYS A 37 -2.11 -11.86 10.75
CA LYS A 37 -2.38 -10.56 11.33
C LYS A 37 -3.37 -10.72 12.48
N GLY A 38 -2.95 -10.34 13.68
CA GLY A 38 -3.78 -10.37 14.85
C GLY A 38 -4.44 -9.05 15.17
N GLU A 39 -4.78 -8.89 16.45
CA GLU A 39 -5.53 -7.73 16.93
C GLU A 39 -4.80 -6.42 16.69
N LYS A 40 -5.58 -5.42 16.30
CA LYS A 40 -5.11 -4.06 16.16
C LYS A 40 -4.96 -3.41 17.53
N ILE A 41 -3.75 -2.90 17.81
CA ILE A 41 -3.44 -2.13 19.01
C ILE A 41 -3.81 -0.69 18.68
N TYR A 42 -4.61 -0.06 19.53
CA TYR A 42 -5.10 1.27 19.21
C TYR A 42 -5.53 2.02 20.44
N ASN A 43 -5.19 3.30 20.50
CA ASN A 43 -5.81 4.21 21.43
C ASN A 43 -6.17 5.48 20.67
N ALA A 44 -7.42 5.92 20.78
CA ALA A 44 -7.88 7.08 19.99
C ALA A 44 -7.29 8.41 20.49
N GLN A 45 -7.08 8.55 21.77
CA GLN A 45 -6.57 9.81 22.32
C GLN A 45 -5.15 10.11 21.88
N THR A 46 -4.30 9.08 21.85
CA THR A 46 -2.91 9.27 21.41
C THR A 46 -2.73 8.92 19.94
N ASP A 47 -3.74 8.31 19.33
CA ASP A 47 -3.68 7.80 17.96
C ASP A 47 -2.49 6.86 17.78
N ILE A 48 -2.13 6.12 18.82
CA ILE A 48 -1.15 5.04 18.63
C ILE A 48 -1.81 3.89 17.92
N ASN A 49 -1.22 3.48 16.80
CA ASN A 49 -1.65 2.33 16.01
C ASN A 49 -0.57 1.25 15.93
N GLY A 50 -0.95 -0.02 16.05
CA GLY A 50 -0.01 -1.14 15.86
C GLY A 50 -0.78 -2.44 15.76
N TRP A 51 -0.07 -3.55 15.70
CA TRP A 51 -0.67 -4.88 15.63
C TRP A 51 0.18 -5.88 16.34
N ILE A 52 -0.46 -6.96 16.81
CA ILE A 52 0.25 -8.17 17.15
C ILE A 52 0.08 -9.14 15.98
N LEU A 53 1.17 -9.80 15.63
CA LEU A 53 1.25 -10.70 14.49
C LEU A 53 1.92 -12.01 14.89
N ARG A 54 1.73 -13.05 14.09
CA ARG A 54 2.47 -14.27 14.34
C ARG A 54 2.99 -14.85 13.03
N ASP A 55 4.24 -15.28 13.05
CA ASP A 55 4.84 -16.01 11.92
C ASP A 55 5.21 -17.42 12.38
N ASP A 56 4.45 -18.40 11.91
CA ASP A 56 4.64 -19.79 12.33
C ASP A 56 5.82 -20.44 11.60
N THR A 57 6.31 -19.80 10.54
CA THR A 57 7.51 -20.27 9.84
C THR A 57 8.80 -19.87 10.57
N SER A 58 8.90 -18.61 11.02
CA SER A 58 10.06 -18.17 11.81
C SER A 58 9.88 -18.33 13.33
N LYS A 59 8.70 -18.76 13.75
CA LYS A 59 8.38 -19.01 15.16
C LYS A 59 8.57 -17.73 15.99
N GLU A 60 7.87 -16.67 15.59
CA GLU A 60 7.89 -15.42 16.33
C GLU A 60 6.52 -14.79 16.44
N ILE A 61 6.31 -14.16 17.59
CA ILE A 61 5.16 -13.29 17.82
C ILE A 61 5.71 -11.87 17.66
N ILE A 62 5.20 -11.12 16.68
CA ILE A 62 5.71 -9.78 16.36
C ILE A 62 4.71 -8.69 16.77
N THR A 63 5.20 -7.72 17.51
CA THR A 63 4.43 -6.53 17.85
C THR A 63 5.06 -5.40 17.06
N VAL A 64 4.24 -4.75 16.23
CA VAL A 64 4.68 -3.64 15.40
C VAL A 64 3.88 -2.37 15.70
N PHE A 65 4.57 -1.25 15.73
CA PHE A 65 3.93 0.04 15.91
C PHE A 65 4.13 0.88 14.69
N ARG A 66 3.06 1.55 14.28
CA ARG A 66 3.15 2.62 13.29
C ARG A 66 3.81 3.86 13.86
N GLY A 67 4.66 4.50 13.05
CA GLY A 67 5.13 5.86 13.35
C GLY A 67 4.08 6.93 13.07
N THR A 68 4.49 8.18 12.95
CA THR A 68 3.53 9.29 12.92
C THR A 68 2.71 9.28 11.64
N GLY A 69 1.39 9.26 11.83
CA GLY A 69 0.43 9.38 10.73
C GLY A 69 -0.69 10.35 11.01
N SER A 70 -0.45 11.28 11.92
CA SER A 70 -1.45 12.26 12.35
C SER A 70 -0.78 13.38 13.12
N ASP A 71 -1.45 14.52 13.17
CA ASP A 71 -0.95 15.61 14.02
C ASP A 71 -0.98 15.20 15.50
N THR A 72 -1.94 14.38 15.92
CA THR A 72 -1.91 13.87 17.29
C THR A 72 -0.56 13.15 17.59
N ASN A 73 -0.12 12.29 16.68
CA ASN A 73 1.17 11.64 16.81
C ASN A 73 2.32 12.63 16.79
N LEU A 74 2.23 13.66 15.94
CA LEU A 74 3.26 14.69 15.89
C LEU A 74 3.44 15.41 17.22
N GLN A 75 2.34 15.62 17.95
CA GLN A 75 2.42 16.23 19.26
C GLN A 75 3.21 15.35 20.19
N LEU A 76 3.10 14.04 20.06
CA LEU A 76 3.95 13.15 20.85
C LEU A 76 5.42 13.20 20.41
N ASP A 77 5.67 13.14 19.10
CA ASP A 77 7.03 13.11 18.55
C ASP A 77 7.84 14.30 19.05
N THR A 78 7.18 15.44 19.23
CA THR A 78 7.88 16.69 19.51
C THR A 78 7.88 17.10 20.98
N ASN A 79 7.43 16.22 21.86
CA ASN A 79 7.55 16.46 23.30
C ASN A 79 8.82 15.80 23.85
N TYR A 80 9.86 16.63 24.05
CA TYR A 80 11.18 16.15 24.47
C TYR A 80 11.40 16.14 25.99
N THR A 81 10.35 16.36 26.75
CA THR A 81 10.47 16.35 28.22
C THR A 81 10.79 14.94 28.66
N LEU A 82 11.92 14.75 29.33
CA LEU A 82 12.26 13.45 29.89
C LEU A 82 11.38 13.14 31.09
N THR A 83 10.95 11.89 31.21
CA THR A 83 10.11 11.46 32.33
C THR A 83 10.50 10.09 32.86
N PRO A 84 10.40 9.87 34.18
CA PRO A 84 10.69 8.53 34.71
C PRO A 84 9.88 7.42 34.06
N PHE A 85 10.53 6.29 33.81
CA PHE A 85 9.91 5.14 33.13
C PHE A 85 9.20 4.35 34.22
N ASP A 86 8.08 4.90 34.70
CA ASP A 86 7.47 4.43 35.96
C ASP A 86 6.73 3.11 35.81
N THR A 87 6.43 2.70 34.58
CA THR A 87 5.86 1.36 34.36
C THR A 87 6.87 0.25 34.65
N LEU A 88 8.15 0.57 34.62
CA LEU A 88 9.25 -0.39 34.81
C LEU A 88 10.21 0.21 35.85
N PRO A 89 9.75 0.27 37.13
CA PRO A 89 10.55 0.90 38.18
C PRO A 89 11.85 0.18 38.50
N GLN A 90 11.98 -1.10 38.15
CA GLN A 90 13.27 -1.82 38.25
C GLN A 90 14.36 -1.28 37.31
N CYS A 91 13.97 -0.40 36.38
CA CYS A 91 14.90 0.35 35.54
C CYS A 91 15.31 1.61 36.33
N ASN A 92 16.40 1.47 37.07
CA ASN A 92 16.83 2.46 38.05
C ASN A 92 17.34 3.74 37.39
N ASP A 93 16.68 4.85 37.71
CA ASP A 93 17.02 6.20 37.22
C ASP A 93 16.75 6.35 35.72
N CYS A 94 16.01 5.39 35.16
CA CYS A 94 15.66 5.44 33.74
C CYS A 94 14.60 6.50 33.47
N GLU A 95 14.87 7.31 32.44
CA GLU A 95 13.91 8.29 31.99
C GLU A 95 13.78 8.11 30.49
N VAL A 96 12.58 8.38 30.00
CA VAL A 96 12.27 8.19 28.56
C VAL A 96 11.65 9.46 27.98
N HIS A 97 11.68 9.55 26.64
CA HIS A 97 11.03 10.59 25.88
C HIS A 97 9.58 10.76 26.33
N GLY A 98 9.19 11.99 26.64
CA GLY A 98 7.89 12.19 27.28
C GLY A 98 6.68 11.96 26.43
N GLY A 99 6.80 12.30 25.15
CA GLY A 99 5.73 12.01 24.21
C GLY A 99 5.55 10.52 23.99
N TYR A 100 6.65 9.81 23.77
CA TYR A 100 6.54 8.38 23.53
C TYR A 100 6.06 7.69 24.77
N TYR A 101 6.41 8.21 25.94
CA TYR A 101 5.89 7.60 27.17
C TYR A 101 4.37 7.71 27.25
N ILE A 102 3.84 8.87 26.92
CA ILE A 102 2.39 9.09 26.84
C ILE A 102 1.76 8.08 25.86
N GLY A 103 2.36 7.88 24.70
CA GLY A 103 1.87 6.87 23.80
C GLY A 103 1.89 5.47 24.38
N TRP A 104 3.02 5.10 24.94
CA TRP A 104 3.19 3.79 25.56
C TRP A 104 2.18 3.54 26.65
N ILE A 105 2.03 4.47 27.57
CA ILE A 105 1.05 4.20 28.66
C ILE A 105 -0.40 4.04 28.17
N SER A 106 -0.73 4.61 27.01
CA SER A 106 -2.07 4.53 26.48
C SER A 106 -2.42 3.17 25.90
N VAL A 107 -1.40 2.41 25.50
CA VAL A 107 -1.60 1.09 24.92
C VAL A 107 -1.00 -0.07 25.71
N GLN A 108 -0.30 0.22 26.79
CA GLN A 108 0.40 -0.81 27.58
C GLN A 108 -0.47 -1.97 27.94
N ASP A 109 -1.65 -1.71 28.50
CA ASP A 109 -2.46 -2.79 29.02
C ASP A 109 -2.88 -3.74 27.89
N GLN A 110 -3.31 -3.18 26.75
CA GLN A 110 -3.68 -3.98 25.58
C GLN A 110 -2.49 -4.77 25.06
N VAL A 111 -1.35 -4.10 24.90
CA VAL A 111 -0.14 -4.76 24.40
C VAL A 111 0.22 -5.94 25.30
N GLU A 112 0.29 -5.71 26.60
CA GLU A 112 0.70 -6.77 27.53
C GLU A 112 -0.28 -7.93 27.55
N SER A 113 -1.57 -7.64 27.48
CA SER A 113 -2.61 -8.68 27.45
C SER A 113 -2.50 -9.57 26.19
N LEU A 114 -2.27 -8.93 25.05
CA LEU A 114 -2.19 -9.65 23.79
C LEU A 114 -0.93 -10.53 23.78
N VAL A 115 0.20 -9.96 24.23
CA VAL A 115 1.45 -10.73 24.22
C VAL A 115 1.31 -11.90 25.20
N LYS A 116 0.72 -11.66 26.35
CA LYS A 116 0.59 -12.74 27.33
C LYS A 116 -0.23 -13.91 26.76
N GLN A 117 -1.34 -13.59 26.10
CA GLN A 117 -2.24 -14.61 25.51
C GLN A 117 -1.52 -15.40 24.44
N GLN A 118 -0.83 -14.72 23.53
CA GLN A 118 -0.12 -15.38 22.45
C GLN A 118 1.09 -16.17 22.93
N ALA A 119 1.86 -15.63 23.87
CA ALA A 119 3.00 -16.34 24.40
C ALA A 119 2.57 -17.61 25.10
N SER A 120 1.40 -17.60 25.74
CA SER A 120 0.91 -18.79 26.44
C SER A 120 0.54 -19.89 25.44
N GLN A 121 0.01 -19.49 24.28
CA GLN A 121 -0.33 -20.45 23.22
C GLN A 121 0.89 -20.94 22.43
N TYR A 122 1.94 -20.10 22.37
CA TYR A 122 3.16 -20.40 21.63
C TYR A 122 4.41 -20.10 22.47
N PRO A 123 4.63 -20.90 23.54
CA PRO A 123 5.69 -20.55 24.50
C PRO A 123 7.15 -20.60 24.03
N ASP A 124 7.46 -21.33 22.95
CA ASP A 124 8.85 -21.32 22.46
C ASP A 124 9.09 -20.32 21.33
N TYR A 125 8.06 -19.59 20.93
CA TYR A 125 8.25 -18.52 19.94
C TYR A 125 8.96 -17.32 20.54
N ALA A 126 9.80 -16.70 19.74
CA ALA A 126 10.47 -15.46 20.13
C ALA A 126 9.42 -14.37 20.19
N LEU A 127 9.70 -13.32 20.96
CA LEU A 127 8.87 -12.12 20.97
C LEU A 127 9.67 -11.01 20.30
N THR A 128 9.21 -10.56 19.14
CA THR A 128 9.92 -9.55 18.39
C THR A 128 9.08 -8.29 18.44
N VAL A 129 9.75 -7.14 18.59
CA VAL A 129 9.06 -5.84 18.58
C VAL A 129 9.77 -4.98 17.54
N THR A 130 8.98 -4.25 16.74
CA THR A 130 9.53 -3.43 15.65
C THR A 130 8.69 -2.21 15.34
N GLY A 131 9.34 -1.25 14.71
CA GLY A 131 8.67 -0.03 14.26
C GLY A 131 9.66 0.92 13.63
N HIS A 132 9.11 1.95 12.96
CA HIS A 132 9.85 3.03 12.34
C HIS A 132 9.50 4.37 12.99
N SER A 133 10.50 5.20 13.24
CA SER A 133 10.29 6.60 13.69
C SER A 133 9.60 6.60 15.08
N LEU A 134 8.48 7.29 15.27
CA LEU A 134 7.73 7.19 16.51
C LEU A 134 7.47 5.71 16.87
N GLY A 135 7.22 4.89 15.85
CA GLY A 135 6.93 3.49 16.13
C GLY A 135 8.13 2.74 16.65
N ALA A 136 9.32 3.21 16.25
CA ALA A 136 10.59 2.67 16.71
C ALA A 136 10.79 2.92 18.21
N SER A 137 10.50 4.13 18.66
CA SER A 137 10.61 4.42 20.09
C SER A 137 9.49 3.71 20.86
N MET A 138 8.29 3.58 20.30
CA MET A 138 7.22 2.78 20.92
C MET A 138 7.71 1.35 21.07
N ALA A 139 8.36 0.83 20.04
CA ALA A 139 8.91 -0.52 20.08
C ALA A 139 9.97 -0.64 21.17
N ALA A 140 10.80 0.40 21.32
CA ALA A 140 11.89 0.35 22.30
C ALA A 140 11.31 0.27 23.72
N LEU A 141 10.34 1.14 24.00
CA LEU A 141 9.73 1.18 25.35
C LEU A 141 9.01 -0.13 25.61
N THR A 142 8.30 -0.68 24.62
CA THR A 142 7.58 -1.92 24.76
C THR A 142 8.53 -3.10 25.01
N ALA A 143 9.59 -3.17 24.22
CA ALA A 143 10.61 -4.23 24.34
C ALA A 143 11.29 -4.16 25.72
N ALA A 144 11.59 -2.98 26.20
CA ALA A 144 12.14 -2.82 27.56
C ALA A 144 11.21 -3.42 28.58
N GLN A 145 9.91 -3.10 28.49
CA GLN A 145 8.94 -3.59 29.46
C GLN A 145 8.85 -5.11 29.37
N LEU A 146 8.71 -5.63 28.16
CA LEU A 146 8.55 -7.07 27.96
C LEU A 146 9.75 -7.84 28.44
N SER A 147 10.95 -7.27 28.29
CA SER A 147 12.20 -7.97 28.61
C SER A 147 12.26 -8.36 30.10
N ALA A 148 11.47 -7.69 30.94
CA ALA A 148 11.50 -7.99 32.38
C ALA A 148 10.69 -9.21 32.73
N THR A 149 9.81 -9.62 31.84
CA THR A 149 8.94 -10.79 32.02
C THR A 149 9.37 -11.99 31.17
N TYR A 150 9.85 -11.73 29.96
CA TYR A 150 10.09 -12.75 28.95
C TYR A 150 11.56 -12.75 28.61
N ASP A 151 12.16 -13.93 28.43
CA ASP A 151 13.60 -13.98 28.23
C ASP A 151 14.04 -13.94 26.76
N ASN A 152 13.09 -14.00 25.85
CA ASN A 152 13.42 -14.13 24.43
C ASN A 152 12.88 -12.98 23.59
N VAL A 153 13.15 -11.76 24.03
CA VAL A 153 12.68 -10.56 23.32
C VAL A 153 13.77 -10.03 22.38
N ARG A 154 13.35 -9.65 21.15
CA ARG A 154 14.24 -9.07 20.15
C ARG A 154 13.63 -7.78 19.71
N LEU A 155 14.46 -6.81 19.40
CA LEU A 155 14.00 -5.47 19.02
C LEU A 155 14.70 -5.05 17.76
N TYR A 156 13.92 -4.70 16.73
CA TYR A 156 14.43 -4.15 15.48
C TYR A 156 13.82 -2.79 15.29
N THR A 157 14.62 -1.72 15.34
CA THR A 157 14.10 -0.38 15.10
C THR A 157 14.67 0.25 13.84
N PHE A 158 13.89 1.15 13.24
CA PHE A 158 14.27 1.85 12.01
C PHE A 158 14.08 3.35 12.18
N GLY A 159 15.12 4.13 12.01
CA GLY A 159 15.03 5.58 12.19
C GLY A 159 14.59 5.95 13.60
N GLU A 160 15.10 5.26 14.57
CA GLU A 160 14.69 5.48 15.95
C GLU A 160 15.27 6.76 16.54
N PRO A 161 14.40 7.61 17.10
CA PRO A 161 14.93 8.70 17.95
C PRO A 161 15.74 8.19 19.12
N ARG A 162 16.47 9.07 19.80
CA ARG A 162 16.95 8.73 21.12
C ARG A 162 15.72 8.60 22.04
N SER A 163 15.49 7.39 22.55
CA SER A 163 14.23 7.08 23.24
C SER A 163 14.24 7.41 24.73
N GLY A 164 15.42 7.62 25.29
CA GLY A 164 15.53 7.93 26.73
C GLY A 164 16.93 8.37 27.11
N ASN A 165 17.19 8.36 28.41
CA ASN A 165 18.45 8.79 28.92
C ASN A 165 19.47 7.67 28.95
N GLN A 166 20.67 7.96 29.43
CA GLN A 166 21.75 6.97 29.41
C GLN A 166 21.43 5.78 30.33
N ALA A 167 20.79 6.03 31.46
CA ALA A 167 20.35 4.96 32.33
C ALA A 167 19.48 3.97 31.57
N PHE A 168 18.55 4.50 30.79
CA PHE A 168 17.64 3.65 30.00
C PHE A 168 18.39 2.89 28.91
N ALA A 169 19.27 3.58 28.21
CA ALA A 169 20.12 2.94 27.18
C ALA A 169 20.94 1.80 27.79
N SER A 170 21.47 2.03 28.99
CA SER A 170 22.32 1.03 29.65
C SER A 170 21.51 -0.19 30.08
N TYR A 171 20.31 0.04 30.60
CA TYR A 171 19.39 -1.03 30.95
C TYR A 171 19.10 -1.88 29.73
N MET A 172 18.80 -1.22 28.62
CA MET A 172 18.50 -1.92 27.38
C MET A 172 19.70 -2.68 26.82
C MET A 172 19.70 -2.71 26.86
N ASN A 173 20.88 -2.09 26.90
CA ASN A 173 22.12 -2.75 26.45
C ASN A 173 22.37 -4.03 27.22
N ASP A 174 22.16 -3.98 28.52
CA ASP A 174 22.29 -5.19 29.34
C ASP A 174 21.24 -6.22 29.01
N ALA A 175 19.98 -5.80 28.94
CA ALA A 175 18.89 -6.74 28.73
C ALA A 175 18.99 -7.43 27.38
N PHE A 176 19.48 -6.73 26.37
CA PHE A 176 19.50 -7.24 25.00
C PHE A 176 20.90 -7.66 24.53
N GLN A 177 21.83 -7.85 25.47
CA GLN A 177 23.17 -8.38 25.18
C GLN A 177 23.88 -7.63 24.07
N VAL A 178 23.83 -6.30 24.20
CA VAL A 178 24.36 -5.40 23.17
C VAL A 178 25.89 -5.34 23.14
N SER A 179 26.54 -5.81 24.20
CA SER A 179 27.99 -5.67 24.32
C SER A 179 28.78 -6.35 23.20
N SER A 180 28.16 -7.26 22.44
CA SER A 180 28.76 -7.77 21.21
C SER A 180 27.69 -7.87 20.13
N PRO A 181 28.03 -7.53 18.87
CA PRO A 181 27.10 -7.80 17.76
C PRO A 181 26.79 -9.26 17.60
N GLU A 182 27.67 -10.12 18.11
CA GLU A 182 27.44 -11.55 18.02
C GLU A 182 26.29 -12.00 18.90
N THR A 183 26.02 -11.27 19.97
CA THR A 183 24.96 -11.63 20.91
C THR A 183 23.75 -10.69 20.88
N THR A 184 23.88 -9.52 20.26
CA THR A 184 22.85 -8.49 20.42
C THR A 184 21.49 -8.99 19.96
N GLN A 185 20.47 -8.61 20.73
CA GLN A 185 19.05 -8.84 20.39
C GLN A 185 18.35 -7.52 20.11
N TYR A 186 19.14 -6.44 20.05
CA TYR A 186 18.66 -5.08 19.73
C TYR A 186 19.42 -4.57 18.51
N PHE A 187 18.70 -4.47 17.39
CA PHE A 187 19.24 -4.04 16.11
C PHE A 187 18.70 -2.64 15.84
N ARG A 188 19.53 -1.62 16.02
CA ARG A 188 19.09 -0.25 15.86
C ARG A 188 19.51 0.21 14.48
N VAL A 189 18.59 0.13 13.52
CA VAL A 189 18.91 0.33 12.10
C VAL A 189 18.75 1.80 11.72
N THR A 190 19.76 2.32 11.07
CA THR A 190 19.81 3.71 10.63
C THR A 190 20.14 3.72 9.16
N HIS A 191 19.83 4.82 8.49
CA HIS A 191 20.02 4.96 7.05
C HIS A 191 20.70 6.27 6.71
N SER A 192 21.88 6.16 6.10
CA SER A 192 22.58 7.30 5.52
C SER A 192 22.58 8.51 6.46
C SER A 192 22.59 8.51 6.46
N ASN A 193 22.05 9.66 6.03
CA ASN A 193 22.02 10.87 6.87
C ASN A 193 20.65 11.15 7.53
N ASP A 194 19.88 10.09 7.82
CA ASP A 194 18.59 10.23 8.51
C ASP A 194 18.81 11.21 9.67
N GLY A 195 18.00 12.28 9.75
CA GLY A 195 18.12 13.23 10.84
C GLY A 195 17.54 12.80 12.18
N ILE A 196 16.63 11.83 12.17
CA ILE A 196 15.86 11.50 13.36
C ILE A 196 16.68 10.80 14.45
N PRO A 197 17.62 9.89 14.08
CA PRO A 197 18.53 9.40 15.15
C PRO A 197 19.39 10.45 15.86
N ASN A 198 19.40 11.69 15.39
CA ASN A 198 20.07 12.79 16.07
C ASN A 198 19.18 13.53 17.06
N LEU A 199 17.94 13.09 17.22
CA LEU A 199 16.92 13.80 18.02
C LEU A 199 16.25 12.85 19.01
N PRO A 200 15.91 13.35 20.20
CA PRO A 200 16.37 14.63 20.73
C PRO A 200 17.88 14.67 20.89
N PRO A 201 18.46 15.86 21.00
CA PRO A 201 19.92 15.95 21.09
C PRO A 201 20.48 15.31 22.37
N ALA A 202 21.66 14.73 22.28
CA ALA A 202 22.31 14.18 23.47
C ALA A 202 22.48 15.26 24.54
N GLU A 203 22.63 16.49 24.12
CA GLU A 203 22.83 17.61 25.05
C GLU A 203 21.64 17.82 26.01
N GLN A 204 20.45 17.32 25.64
CA GLN A 204 19.28 17.34 26.51
C GLN A 204 19.17 16.14 27.44
N GLY A 205 20.20 15.29 27.48
CA GLY A 205 20.25 14.17 28.39
C GLY A 205 19.84 12.84 27.80
N TYR A 206 19.74 12.78 26.47
CA TYR A 206 19.29 11.57 25.79
C TYR A 206 20.48 10.73 25.30
N ALA A 207 20.26 9.44 25.10
CA ALA A 207 21.29 8.54 24.63
C ALA A 207 20.67 7.42 23.83
N HIS A 208 21.38 6.88 22.85
CA HIS A 208 20.97 5.64 22.21
C HIS A 208 21.55 4.42 22.89
N GLY A 209 20.81 3.31 22.81
CA GLY A 209 21.37 2.00 23.08
C GLY A 209 21.30 1.16 21.82
N GLY A 210 21.60 -0.14 21.96
CA GLY A 210 21.60 -1.04 20.82
C GLY A 210 22.91 -1.06 20.04
N VAL A 211 23.08 -2.06 19.16
CA VAL A 211 24.09 -2.01 18.12
C VAL A 211 23.49 -1.30 16.92
N GLU A 212 24.20 -0.28 16.41
CA GLU A 212 23.73 0.45 15.22
C GLU A 212 24.11 -0.30 13.92
N TYR A 213 23.12 -0.54 13.06
CA TYR A 213 23.30 -1.11 11.72
C TYR A 213 23.03 0.00 10.75
N TRP A 214 24.11 0.56 10.19
CA TRP A 214 24.05 1.80 9.40
C TRP A 214 24.05 1.48 7.92
N SER A 215 22.87 1.61 7.32
CA SER A 215 22.67 1.33 5.91
C SER A 215 23.07 2.54 5.04
N VAL A 216 24.09 2.36 4.23
CA VAL A 216 24.59 3.36 3.32
C VAL A 216 24.16 2.99 1.89
N ASP A 217 23.96 4.02 1.05
CA ASP A 217 23.46 3.84 -0.31
C ASP A 217 24.62 3.46 -1.22
N PRO A 218 24.37 2.58 -2.20
CA PRO A 218 23.15 1.83 -2.45
C PRO A 218 23.00 0.67 -1.49
N TYR A 219 21.82 0.52 -0.90
CA TYR A 219 21.65 -0.44 0.18
C TYR A 219 21.91 -1.89 -0.23
N SER A 220 22.54 -2.64 0.66
CA SER A 220 22.85 -4.05 0.47
C SER A 220 23.48 -4.55 1.75
N ALA A 221 23.72 -5.85 1.84
CA ALA A 221 24.38 -6.44 3.00
C ALA A 221 25.81 -5.87 3.11
N GLN A 222 26.48 -5.77 1.99
CA GLN A 222 27.87 -5.32 2.00
C GLN A 222 28.00 -3.84 2.36
N ASN A 223 26.96 -3.06 2.10
CA ASN A 223 26.93 -1.62 2.39
C ASN A 223 26.18 -1.25 3.67
N THR A 224 26.08 -2.20 4.59
CA THR A 224 25.56 -1.95 5.93
C THR A 224 26.70 -2.09 6.92
N PHE A 225 27.00 -1.00 7.62
CA PHE A 225 28.03 -1.00 8.64
C PHE A 225 27.48 -1.40 9.99
N VAL A 226 28.37 -1.92 10.82
CA VAL A 226 28.04 -2.32 12.17
C VAL A 226 28.79 -1.39 13.11
N CYS A 227 28.08 -0.55 13.85
CA CYS A 227 28.68 0.55 14.60
C CYS A 227 28.41 0.33 16.08
N THR A 228 29.49 0.20 16.84
CA THR A 228 29.44 -0.09 18.27
C THR A 228 30.13 0.99 19.10
N GLY A 229 29.73 1.07 20.35
CA GLY A 229 30.22 2.09 21.27
C GLY A 229 29.44 3.38 21.18
N ASP A 230 29.91 4.36 21.96
CA ASP A 230 29.20 5.63 22.13
C ASP A 230 29.93 6.83 21.50
N GLU A 231 30.98 6.58 20.72
CA GLU A 231 31.59 7.65 19.93
C GLU A 231 30.67 8.11 18.79
N VAL A 232 30.86 9.36 18.34
CA VAL A 232 30.06 9.94 17.25
C VAL A 232 30.54 9.35 15.92
N GLN A 233 29.65 8.62 15.25
CA GLN A 233 30.04 7.91 14.05
C GLN A 233 28.79 7.50 13.30
N CYS A 234 28.94 7.09 12.05
CA CYS A 234 27.83 6.44 11.32
C CYS A 234 26.69 7.45 11.17
N CYS A 235 25.44 7.07 11.38
CA CYS A 235 24.37 8.02 11.10
C CYS A 235 24.52 9.32 11.89
N GLU A 236 24.88 9.19 13.15
CA GLU A 236 24.95 10.33 14.05
C GLU A 236 26.10 11.29 13.71
N ALA A 237 27.03 10.88 12.82
CA ALA A 237 28.06 11.79 12.34
C ALA A 237 27.71 12.50 11.04
N GLN A 238 26.55 12.21 10.43
CA GLN A 238 26.24 12.72 9.09
C GLN A 238 25.61 14.10 9.05
N GLY A 239 25.13 14.56 10.20
CA GLY A 239 24.56 15.90 10.31
C GLY A 239 23.19 16.06 9.68
N GLY A 240 22.49 14.95 9.49
CA GLY A 240 21.14 15.02 8.94
C GLY A 240 20.20 15.84 9.81
N GLN A 241 19.33 16.59 9.14
CA GLN A 241 18.37 17.46 9.83
C GLN A 241 16.93 16.98 9.70
N GLY A 242 16.38 16.50 10.80
CA GLY A 242 14.96 16.17 10.91
C GLY A 242 14.51 15.07 9.99
N VAL A 243 13.28 15.22 9.49
CA VAL A 243 12.67 14.25 8.62
C VAL A 243 13.19 14.59 7.23
N ASN A 244 14.13 13.83 6.76
CA ASN A 244 14.64 14.00 5.41
C ASN A 244 14.37 12.72 4.62
N ASP A 245 14.74 12.74 3.34
CA ASP A 245 14.47 11.59 2.51
C ASP A 245 15.05 10.30 3.07
N ALA A 246 16.23 10.38 3.70
CA ALA A 246 16.85 9.19 4.29
C ALA A 246 15.97 8.58 5.39
N HIS A 247 15.26 9.42 6.13
CA HIS A 247 14.41 8.91 7.22
C HIS A 247 13.23 8.12 6.68
N THR A 248 12.64 8.61 5.59
CA THR A 248 11.37 8.06 5.11
C THR A 248 11.53 6.77 4.33
N THR A 249 12.75 6.47 3.87
CA THR A 249 12.97 5.35 2.96
C THR A 249 14.11 4.46 3.45
N TYR A 250 13.76 3.27 3.93
CA TYR A 250 14.69 2.29 4.47
C TYR A 250 14.65 1.06 3.58
N PHE A 251 15.83 0.61 3.17
CA PHE A 251 15.98 -0.46 2.17
C PHE A 251 15.06 -0.26 0.96
N GLY A 252 14.98 0.98 0.53
CA GLY A 252 14.21 1.36 -0.65
C GLY A 252 12.71 1.43 -0.47
N MET A 253 12.23 1.21 0.74
CA MET A 253 10.80 1.22 1.07
C MET A 253 10.45 2.49 1.80
N THR A 254 9.54 3.24 1.21
CA THR A 254 9.07 4.53 1.76
C THR A 254 7.84 4.26 2.62
N SER A 255 7.75 4.92 3.78
CA SER A 255 6.62 4.74 4.70
C SER A 255 5.27 4.81 3.98
N GLY A 256 4.52 3.73 4.11
CA GLY A 256 3.17 3.61 3.53
C GLY A 256 3.07 3.52 2.03
N ALA A 257 4.16 3.27 1.31
CA ALA A 257 4.11 3.26 -0.14
C ALA A 257 3.38 2.06 -0.70
N CYS A 258 3.50 0.90 -0.05
CA CYS A 258 2.86 -0.33 -0.49
C CYS A 258 3.26 -0.77 -1.91
N THR A 259 4.47 -0.43 -2.36
CA THR A 259 4.94 -0.88 -3.65
C THR A 259 5.95 -2.05 -3.51
N TRP A 260 5.99 -2.67 -2.33
CA TRP A 260 6.79 -3.88 -2.06
C TRP A 260 5.91 -5.11 -2.11
N ALA B 1 -15.36 -9.72 -35.68
CA ALA B 1 -16.67 -9.32 -36.26
C ALA B 1 -17.30 -8.18 -35.48
N SER B 2 -18.16 -7.42 -36.16
CA SER B 2 -18.89 -6.35 -35.50
C SER B 2 -20.34 -6.26 -35.99
N THR B 3 -21.21 -5.80 -35.11
CA THR B 3 -22.60 -5.45 -35.45
C THR B 3 -22.87 -4.04 -34.90
N GLN B 4 -23.80 -3.34 -35.53
CA GLN B 4 -24.10 -1.99 -35.17
C GLN B 4 -25.34 -1.91 -34.27
N GLY B 5 -25.20 -1.20 -33.16
CA GLY B 5 -26.33 -0.84 -32.34
C GLY B 5 -26.43 -1.63 -31.06
N ILE B 6 -26.76 -0.93 -29.97
CA ILE B 6 -27.04 -1.59 -28.69
C ILE B 6 -28.37 -1.09 -28.16
N SER B 7 -28.87 -1.73 -27.11
CA SER B 7 -30.15 -1.30 -26.55
C SER B 7 -29.99 0.06 -25.89
N GLU B 8 -31.09 0.80 -25.76
CA GLU B 8 -31.06 2.05 -25.01
C GLU B 8 -30.67 1.80 -23.56
N ASP B 9 -31.11 0.69 -22.97
CA ASP B 9 -30.76 0.40 -21.59
C ASP B 9 -29.25 0.19 -21.41
N LEU B 10 -28.63 -0.58 -22.30
CA LEU B 10 -27.17 -0.76 -22.25
C LEU B 10 -26.44 0.58 -22.48
N TYR B 11 -26.85 1.30 -23.51
CA TYR B 11 -26.27 2.62 -23.77
C TYR B 11 -26.31 3.52 -22.54
N ASN B 12 -27.46 3.55 -21.86
CA ASN B 12 -27.59 4.39 -20.67
C ASN B 12 -26.64 3.99 -19.56
N ARG B 13 -26.43 2.70 -19.39
CA ARG B 13 -25.45 2.17 -18.43
C ARG B 13 -24.04 2.59 -18.82
N LEU B 14 -23.68 2.49 -20.09
CA LEU B 14 -22.34 2.90 -20.52
C LEU B 14 -22.12 4.41 -20.29
N VAL B 15 -23.11 5.23 -20.61
CA VAL B 15 -23.03 6.67 -20.37
C VAL B 15 -22.93 6.99 -18.88
N GLU B 16 -23.68 6.26 -18.04
CA GLU B 16 -23.60 6.46 -16.59
C GLU B 16 -22.20 6.19 -16.07
N MET B 17 -21.61 5.08 -16.49
CA MET B 17 -20.28 4.70 -16.00
C MET B 17 -19.21 5.58 -16.58
C MET B 17 -19.24 5.63 -16.56
N ALA B 18 -19.43 6.07 -17.80
CA ALA B 18 -18.52 7.05 -18.38
C ALA B 18 -18.54 8.36 -17.61
N THR B 19 -19.73 8.77 -17.19
CA THR B 19 -19.86 10.00 -16.41
C THR B 19 -19.11 9.89 -15.09
N ILE B 20 -19.30 8.80 -14.39
CA ILE B 20 -18.59 8.56 -13.13
C ILE B 20 -17.07 8.55 -13.38
N SER B 21 -16.64 7.89 -14.45
CA SER B 21 -15.23 7.79 -14.73
C SER B 21 -14.63 9.15 -15.04
N GLN B 22 -15.33 9.96 -15.84
CA GLN B 22 -14.78 11.25 -16.20
C GLN B 22 -14.89 12.25 -15.05
N ALA B 23 -15.90 12.06 -14.19
CA ALA B 23 -16.07 12.91 -13.00
C ALA B 23 -15.04 12.59 -11.94
N ALA B 24 -14.44 11.40 -12.00
CA ALA B 24 -13.39 11.04 -11.02
C ALA B 24 -12.16 11.92 -11.07
N TYR B 25 -11.97 12.64 -12.18
CA TYR B 25 -10.89 13.60 -12.30
C TYR B 25 -11.16 14.92 -11.59
N ALA B 26 -12.41 15.17 -11.17
CA ALA B 26 -12.74 16.42 -10.50
C ALA B 26 -13.70 16.20 -9.33
N ASP B 27 -13.28 15.33 -8.40
CA ASP B 27 -13.98 15.11 -7.16
C ASP B 27 -15.43 14.66 -7.37
N LEU B 28 -15.64 13.85 -8.40
CA LEU B 28 -16.94 13.26 -8.71
C LEU B 28 -18.03 14.31 -8.92
N CYS B 29 -17.67 15.39 -9.63
CA CYS B 29 -18.62 16.43 -9.96
C CYS B 29 -19.79 15.92 -10.78
N ASN B 30 -21.00 16.30 -10.36
CA ASN B 30 -22.20 16.12 -11.17
C ASN B 30 -22.50 14.69 -11.58
N ILE B 31 -22.26 13.75 -10.66
CA ILE B 31 -22.68 12.36 -10.87
C ILE B 31 -24.14 12.22 -10.39
N PRO B 32 -24.85 11.16 -10.82
CA PRO B 32 -26.26 11.00 -10.42
C PRO B 32 -26.52 11.08 -8.93
N SER B 33 -27.60 11.75 -8.55
CA SER B 33 -27.92 11.98 -7.14
C SER B 33 -28.37 10.71 -6.44
N THR B 34 -28.68 9.65 -7.20
CA THR B 34 -28.95 8.35 -6.60
C THR B 34 -27.72 7.72 -5.94
N ILE B 35 -26.53 8.24 -6.25
CA ILE B 35 -25.30 7.63 -5.76
C ILE B 35 -24.88 8.24 -4.46
N ILE B 36 -24.56 7.40 -3.50
CA ILE B 36 -23.96 7.88 -2.26
C ILE B 36 -22.46 7.74 -2.37
N LYS B 37 -21.76 8.83 -2.16
CA LYS B 37 -20.30 8.82 -2.21
C LYS B 37 -19.75 8.24 -0.92
N GLY B 38 -18.92 7.20 -1.02
CA GLY B 38 -18.30 6.56 0.13
C GLY B 38 -16.84 6.91 0.29
N GLU B 39 -16.05 5.94 0.74
CA GLU B 39 -14.67 6.15 1.11
C GLU B 39 -13.78 6.41 -0.10
N LYS B 40 -12.85 7.35 0.07
CA LYS B 40 -11.81 7.62 -0.89
C LYS B 40 -10.71 6.58 -0.86
N ILE B 41 -10.33 6.09 -2.04
CA ILE B 41 -9.16 5.22 -2.23
C ILE B 41 -7.99 6.16 -2.57
N TYR B 42 -6.88 6.03 -1.86
CA TYR B 42 -5.75 6.94 -2.09
C TYR B 42 -4.41 6.35 -1.66
N ASN B 43 -3.41 6.51 -2.49
CA ASN B 43 -2.02 6.25 -2.12
C ASN B 43 -1.21 7.39 -2.68
N ALA B 44 -0.54 8.09 -1.78
CA ALA B 44 0.25 9.26 -2.13
C ALA B 44 1.46 8.90 -2.98
N GLN B 45 2.07 7.74 -2.75
CA GLN B 45 3.28 7.38 -3.49
C GLN B 45 3.00 7.20 -4.98
N THR B 46 1.90 6.53 -5.30
CA THR B 46 1.56 6.27 -6.71
C THR B 46 0.51 7.28 -7.21
N ASP B 47 0.00 8.12 -6.33
CA ASP B 47 -1.08 9.03 -6.64
C ASP B 47 -2.29 8.34 -7.27
N ILE B 48 -2.56 7.11 -6.84
CA ILE B 48 -3.79 6.44 -7.23
C ILE B 48 -4.94 7.04 -6.41
N ASN B 49 -5.97 7.49 -7.14
CA ASN B 49 -7.19 8.07 -6.57
C ASN B 49 -8.42 7.32 -7.08
N GLY B 50 -9.32 7.02 -6.19
CA GLY B 50 -10.59 6.43 -6.55
C GLY B 50 -11.59 6.59 -5.41
N TRP B 51 -12.75 6.01 -5.61
CA TRP B 51 -13.81 5.96 -4.59
C TRP B 51 -14.59 4.66 -4.64
N ILE B 52 -15.16 4.33 -3.49
CA ILE B 52 -16.25 3.37 -3.38
C ILE B 52 -17.55 4.16 -3.31
N LEU B 53 -18.54 3.72 -4.09
CA LEU B 53 -19.82 4.38 -4.21
C LEU B 53 -20.92 3.35 -4.05
N ARG B 54 -22.10 3.80 -3.66
CA ARG B 54 -23.22 2.88 -3.57
C ARG B 54 -24.45 3.49 -4.19
N ASP B 55 -25.12 2.72 -5.03
CA ASP B 55 -26.42 3.08 -5.62
C ASP B 55 -27.47 2.08 -5.10
N ASP B 56 -28.35 2.56 -4.24
CA ASP B 56 -29.37 1.71 -3.60
C ASP B 56 -30.50 1.40 -4.56
N THR B 57 -30.70 2.27 -5.53
CA THR B 57 -31.76 2.09 -6.50
C THR B 57 -31.42 0.98 -7.46
N SER B 58 -30.19 0.96 -7.96
CA SER B 58 -29.73 -0.06 -8.90
C SER B 58 -29.06 -1.25 -8.19
N LYS B 59 -28.95 -1.13 -6.87
CA LYS B 59 -28.36 -2.17 -6.01
C LYS B 59 -26.96 -2.58 -6.45
N GLU B 60 -26.04 -1.63 -6.44
N GLU B 60 -26.05 -1.60 -6.42
CA GLU B 60 -24.67 -1.90 -6.81
CA GLU B 60 -24.68 -1.78 -6.88
C GLU B 60 -23.71 -1.10 -5.97
C GLU B 60 -23.72 -1.08 -5.93
N ILE B 61 -22.57 -1.71 -5.68
CA ILE B 61 -21.44 -1.04 -5.04
C ILE B 61 -20.46 -0.78 -6.19
N ILE B 62 -20.11 0.48 -6.42
CA ILE B 62 -19.27 0.87 -7.57
C ILE B 62 -17.90 1.33 -7.10
N THR B 63 -16.85 0.73 -7.64
CA THR B 63 -15.47 1.14 -7.37
C THR B 63 -15.00 1.87 -8.63
N VAL B 64 -14.61 3.13 -8.48
CA VAL B 64 -14.14 3.94 -9.62
C VAL B 64 -12.74 4.42 -9.37
N PHE B 65 -11.91 4.29 -10.41
CA PHE B 65 -10.54 4.85 -10.39
C PHE B 65 -10.40 6.02 -11.30
N ARG B 66 -9.79 7.10 -10.82
CA ARG B 66 -9.37 8.22 -11.68
C ARG B 66 -8.22 7.80 -12.56
N GLY B 67 -8.21 8.23 -13.83
CA GLY B 67 -7.04 8.11 -14.69
C GLY B 67 -6.01 9.16 -14.37
N THR B 68 -5.10 9.41 -15.30
CA THR B 68 -3.92 10.23 -15.00
C THR B 68 -4.25 11.69 -14.75
N GLY B 69 -3.84 12.17 -13.58
CA GLY B 69 -4.01 13.57 -13.18
C GLY B 69 -2.75 14.14 -12.54
N SER B 70 -1.59 13.53 -12.82
CA SER B 70 -0.32 13.94 -12.25
C SER B 70 0.81 13.30 -13.02
N ASP B 71 2.02 13.88 -12.91
CA ASP B 71 3.18 13.24 -13.50
C ASP B 71 3.51 11.88 -12.84
N THR B 72 3.21 11.70 -11.56
CA THR B 72 3.34 10.41 -10.91
C THR B 72 2.50 9.35 -11.64
N ASN B 73 1.23 9.66 -11.92
CA ASN B 73 0.42 8.75 -12.72
C ASN B 73 0.99 8.53 -14.11
N LEU B 74 1.54 9.57 -14.72
CA LEU B 74 2.11 9.43 -16.06
C LEU B 74 3.27 8.43 -16.03
N GLN B 75 4.03 8.41 -14.92
N GLN B 75 4.04 8.42 -14.95
CA GLN B 75 5.10 7.41 -14.72
CA GLN B 75 5.06 7.41 -14.83
C GLN B 75 4.56 5.97 -14.70
C GLN B 75 4.43 6.02 -14.94
N LEU B 76 3.36 5.78 -14.18
CA LEU B 76 2.72 4.45 -14.23
C LEU B 76 2.25 4.15 -15.67
N ASP B 77 1.59 5.10 -16.31
CA ASP B 77 1.06 4.91 -17.68
C ASP B 77 2.12 4.47 -18.66
N THR B 78 3.33 4.94 -18.48
CA THR B 78 4.38 4.76 -19.47
C THR B 78 5.40 3.69 -19.13
N ASN B 79 5.10 2.86 -18.12
CA ASN B 79 5.91 1.69 -17.84
C ASN B 79 5.32 0.45 -18.47
N TYR B 80 5.86 0.04 -19.62
CA TYR B 80 5.29 -1.08 -20.38
C TYR B 80 5.92 -2.43 -20.07
N THR B 81 6.72 -2.50 -19.02
CA THR B 81 7.31 -3.78 -18.63
C THR B 81 6.22 -4.76 -18.20
N LEU B 82 6.13 -5.90 -18.87
CA LEU B 82 5.22 -6.98 -18.44
C LEU B 82 5.70 -7.61 -17.14
N THR B 83 4.76 -7.91 -16.26
CA THR B 83 5.10 -8.50 -14.96
C THR B 83 4.05 -9.53 -14.52
N PRO B 84 4.49 -10.64 -13.90
CA PRO B 84 3.53 -11.62 -13.44
C PRO B 84 2.49 -11.03 -12.49
N PHE B 85 1.23 -11.41 -12.64
CA PHE B 85 0.12 -10.89 -11.82
C PHE B 85 0.05 -11.70 -10.52
N ASP B 86 1.03 -11.48 -9.65
CA ASP B 86 1.29 -12.37 -8.52
C ASP B 86 0.28 -12.24 -7.40
N THR B 87 -0.51 -11.16 -7.38
CA THR B 87 -1.59 -11.06 -6.41
C THR B 87 -2.68 -12.12 -6.64
N LEU B 88 -2.77 -12.63 -7.86
CA LEU B 88 -3.78 -13.61 -8.27
C LEU B 88 -3.07 -14.81 -8.89
N PRO B 89 -2.48 -15.67 -8.04
CA PRO B 89 -1.73 -16.81 -8.60
C PRO B 89 -2.58 -17.79 -9.44
N GLN B 90 -3.89 -17.83 -9.21
CA GLN B 90 -4.87 -18.52 -10.09
C GLN B 90 -4.76 -18.18 -11.56
N CYS B 91 -4.42 -16.92 -11.83
CA CYS B 91 -4.28 -16.43 -13.19
C CYS B 91 -2.99 -17.00 -13.74
N ASN B 92 -3.09 -18.19 -14.33
CA ASN B 92 -1.93 -18.96 -14.73
C ASN B 92 -1.21 -18.34 -15.92
N ASP B 93 0.08 -18.04 -15.77
CA ASP B 93 0.93 -17.43 -16.79
C ASP B 93 0.49 -16.00 -17.15
N CYS B 94 -0.35 -15.42 -16.32
CA CYS B 94 -0.84 -14.04 -16.56
C CYS B 94 0.23 -13.03 -16.23
N GLU B 95 0.39 -12.04 -17.12
CA GLU B 95 1.27 -10.90 -16.87
C GLU B 95 0.46 -9.67 -17.20
N VAL B 96 0.76 -8.60 -16.48
CA VAL B 96 0.05 -7.34 -16.63
C VAL B 96 1.03 -6.20 -16.87
N HIS B 97 0.48 -5.10 -17.39
CA HIS B 97 1.20 -3.85 -17.57
C HIS B 97 1.93 -3.48 -16.28
N GLY B 98 3.22 -3.17 -16.36
CA GLY B 98 4.01 -3.02 -15.16
C GLY B 98 3.68 -1.84 -14.31
N GLY B 99 3.39 -0.72 -14.98
CA GLY B 99 3.00 0.47 -14.27
C GLY B 99 1.68 0.34 -13.56
N TYR B 100 0.67 -0.22 -14.24
CA TYR B 100 -0.62 -0.39 -13.62
C TYR B 100 -0.52 -1.42 -12.49
N TYR B 101 0.41 -2.37 -12.62
CA TYR B 101 0.58 -3.33 -11.55
C TYR B 101 1.11 -2.63 -10.31
N ILE B 102 2.06 -1.71 -10.46
CA ILE B 102 2.54 -0.93 -9.30
C ILE B 102 1.39 -0.13 -8.69
C ILE B 102 1.40 -0.13 -8.69
N GLY B 103 0.60 0.54 -9.53
CA GLY B 103 -0.61 1.17 -9.04
C GLY B 103 -1.54 0.25 -8.25
N TRP B 104 -1.81 -0.93 -8.81
CA TRP B 104 -2.67 -1.88 -8.20
C TRP B 104 -2.16 -2.38 -6.84
N ILE B 105 -0.89 -2.78 -6.78
CA ILE B 105 -0.40 -3.33 -5.53
C ILE B 105 -0.38 -2.25 -4.46
N SER B 106 -0.24 -0.99 -4.87
CA SER B 106 -0.19 0.12 -3.92
C SER B 106 -1.52 0.40 -3.24
N VAL B 107 -2.61 -0.16 -3.79
CA VAL B 107 -3.94 0.01 -3.20
C VAL B 107 -4.74 -1.27 -3.00
N GLN B 108 -4.21 -2.43 -3.40
CA GLN B 108 -4.99 -3.68 -3.35
C GLN B 108 -5.66 -3.92 -2.00
N ASP B 109 -4.88 -3.89 -0.92
CA ASP B 109 -5.41 -4.25 0.40
C ASP B 109 -6.46 -3.24 0.84
N GLN B 110 -6.22 -1.97 0.54
CA GLN B 110 -7.15 -0.91 0.83
C GLN B 110 -8.49 -1.09 0.10
N VAL B 111 -8.41 -1.36 -1.21
CA VAL B 111 -9.60 -1.60 -2.03
C VAL B 111 -10.36 -2.83 -1.57
N GLU B 112 -9.64 -3.94 -1.36
CA GLU B 112 -10.29 -5.18 -0.93
C GLU B 112 -10.99 -4.97 0.41
N SER B 113 -10.40 -4.22 1.33
CA SER B 113 -11.04 -4.01 2.64
C SER B 113 -12.30 -3.17 2.53
C SER B 113 -12.30 -3.18 2.51
N LEU B 114 -12.22 -2.13 1.70
CA LEU B 114 -13.34 -1.22 1.52
C LEU B 114 -14.49 -1.92 0.82
N VAL B 115 -14.18 -2.76 -0.15
CA VAL B 115 -15.20 -3.53 -0.86
C VAL B 115 -15.80 -4.57 0.06
N LYS B 116 -14.96 -5.30 0.80
CA LYS B 116 -15.47 -6.31 1.74
C LYS B 116 -16.45 -5.69 2.72
N GLN B 117 -16.12 -4.51 3.22
CA GLN B 117 -16.96 -3.82 4.23
C GLN B 117 -18.35 -3.54 3.66
N GLN B 118 -18.42 -2.93 2.49
CA GLN B 118 -19.71 -2.61 1.90
C GLN B 118 -20.43 -3.88 1.42
N ALA B 119 -19.69 -4.82 0.85
CA ALA B 119 -20.29 -6.08 0.36
C ALA B 119 -21.00 -6.84 1.49
N SER B 120 -20.36 -6.92 2.64
CA SER B 120 -20.93 -7.59 3.84
C SER B 120 -22.19 -6.90 4.33
C SER B 120 -22.21 -6.91 4.29
N GLN B 121 -22.23 -5.58 4.18
CA GLN B 121 -23.35 -4.76 4.63
C GLN B 121 -24.52 -4.71 3.66
N TYR B 122 -24.23 -4.88 2.37
CA TYR B 122 -25.27 -4.91 1.33
C TYR B 122 -24.97 -6.12 0.48
N PRO B 123 -25.17 -7.33 1.04
CA PRO B 123 -24.77 -8.59 0.41
C PRO B 123 -25.47 -8.93 -0.91
N ASP B 124 -26.61 -8.31 -1.18
CA ASP B 124 -27.36 -8.55 -2.42
C ASP B 124 -26.92 -7.66 -3.59
N TYR B 125 -26.09 -6.66 -3.33
CA TYR B 125 -25.69 -5.68 -4.34
C TYR B 125 -24.61 -6.27 -5.25
N ALA B 126 -24.68 -5.95 -6.54
CA ALA B 126 -23.62 -6.31 -7.47
C ALA B 126 -22.42 -5.41 -7.20
N LEU B 127 -21.26 -5.88 -7.61
CA LEU B 127 -20.02 -5.13 -7.54
C LEU B 127 -19.69 -4.68 -8.95
N THR B 128 -19.51 -3.38 -9.15
CA THR B 128 -19.18 -2.85 -10.46
C THR B 128 -17.86 -2.08 -10.34
N VAL B 129 -16.98 -2.22 -11.32
CA VAL B 129 -15.69 -1.50 -11.30
C VAL B 129 -15.57 -0.71 -12.58
N THR B 130 -15.14 0.54 -12.48
CA THR B 130 -15.04 1.39 -13.68
C THR B 130 -13.90 2.39 -13.59
N GLY B 131 -13.50 2.92 -14.75
CA GLY B 131 -12.57 4.00 -14.81
C GLY B 131 -12.24 4.31 -16.26
N HIS B 132 -11.51 5.41 -16.46
CA HIS B 132 -11.05 5.86 -17.78
C HIS B 132 -9.52 5.89 -17.84
N SER B 133 -8.95 5.45 -18.96
CA SER B 133 -7.51 5.56 -19.23
C SER B 133 -6.72 4.74 -18.18
N LEU B 134 -5.77 5.30 -17.46
CA LEU B 134 -5.12 4.59 -16.35
C LEU B 134 -6.14 4.00 -15.38
N GLY B 135 -7.25 4.72 -15.17
CA GLY B 135 -8.30 4.24 -14.28
C GLY B 135 -8.97 3.00 -14.81
N ALA B 136 -9.03 2.91 -16.14
CA ALA B 136 -9.62 1.72 -16.80
C ALA B 136 -8.79 0.46 -16.57
N SER B 137 -7.46 0.58 -16.69
CA SER B 137 -6.60 -0.55 -16.44
C SER B 137 -6.58 -0.89 -14.93
N MET B 138 -6.58 0.13 -14.08
CA MET B 138 -6.75 -0.11 -12.65
C MET B 138 -8.03 -0.87 -12.38
N ALA B 139 -9.11 -0.46 -13.01
CA ALA B 139 -10.38 -1.15 -12.88
C ALA B 139 -10.25 -2.61 -13.34
N ALA B 140 -9.55 -2.86 -14.46
CA ALA B 140 -9.41 -4.23 -14.95
C ALA B 140 -8.68 -5.16 -13.99
N LEU B 141 -7.57 -4.70 -13.47
CA LEU B 141 -6.78 -5.50 -12.53
C LEU B 141 -7.61 -5.70 -11.28
N THR B 142 -8.30 -4.66 -10.83
CA THR B 142 -9.15 -4.76 -9.62
C THR B 142 -10.27 -5.79 -9.83
N ALA B 143 -10.96 -5.69 -10.96
CA ALA B 143 -12.04 -6.60 -11.28
C ALA B 143 -11.57 -8.04 -11.40
N ALA B 144 -10.39 -8.24 -11.99
CA ALA B 144 -9.79 -9.57 -12.11
C ALA B 144 -9.63 -10.16 -10.72
N GLN B 145 -9.07 -9.39 -9.82
CA GLN B 145 -8.83 -9.88 -8.45
C GLN B 145 -10.14 -10.16 -7.75
N LEU B 146 -11.09 -9.24 -7.83
CA LEU B 146 -12.34 -9.39 -7.08
C LEU B 146 -13.10 -10.61 -7.61
N SER B 147 -12.97 -10.89 -8.90
CA SER B 147 -13.73 -11.99 -9.53
C SER B 147 -13.42 -13.34 -8.90
N ALA B 148 -12.24 -13.48 -8.31
CA ALA B 148 -11.83 -14.74 -7.68
C ALA B 148 -12.53 -14.97 -6.33
N THR B 149 -13.11 -13.91 -5.76
CA THR B 149 -13.83 -13.95 -4.46
C THR B 149 -15.36 -13.75 -4.56
N TYR B 150 -15.82 -12.90 -5.48
CA TYR B 150 -17.23 -12.53 -5.62
C TYR B 150 -17.70 -12.98 -6.99
N ASP B 151 -18.91 -13.51 -7.10
CA ASP B 151 -19.32 -14.01 -8.42
C ASP B 151 -20.18 -13.01 -9.19
N ASN B 152 -20.47 -11.86 -8.59
CA ASN B 152 -21.32 -10.86 -9.22
C ASN B 152 -20.55 -9.58 -9.57
N VAL B 153 -19.44 -9.71 -10.32
CA VAL B 153 -18.58 -8.55 -10.63
C VAL B 153 -18.79 -8.10 -12.08
N ARG B 154 -18.92 -6.80 -12.30
CA ARG B 154 -19.06 -6.23 -13.63
C ARG B 154 -17.98 -5.18 -13.82
N LEU B 155 -17.51 -5.04 -15.06
CA LEU B 155 -16.41 -4.16 -15.39
C LEU B 155 -16.76 -3.32 -16.59
N TYR B 156 -16.67 -2.01 -16.44
CA TYR B 156 -16.90 -1.07 -17.52
C TYR B 156 -15.66 -0.23 -17.66
N THR B 157 -14.97 -0.32 -18.78
CA THR B 157 -13.78 0.48 -18.98
C THR B 157 -13.96 1.44 -20.16
N PHE B 158 -13.26 2.59 -20.11
CA PHE B 158 -13.32 3.62 -21.15
C PHE B 158 -11.89 3.96 -21.56
N GLY B 159 -11.54 3.83 -22.83
CA GLY B 159 -10.19 4.18 -23.29
C GLY B 159 -9.15 3.35 -22.60
N GLU B 160 -9.45 2.06 -22.38
CA GLU B 160 -8.56 1.17 -21.66
C GLU B 160 -7.39 0.76 -22.52
N PRO B 161 -6.17 0.94 -22.01
CA PRO B 161 -5.00 0.33 -22.62
C PRO B 161 -5.09 -1.18 -22.69
N ARG B 162 -4.16 -1.80 -23.40
CA ARG B 162 -3.99 -3.25 -23.28
C ARG B 162 -3.41 -3.49 -21.88
N SER B 163 -4.15 -4.15 -21.01
CA SER B 163 -3.79 -4.20 -19.60
C SER B 163 -2.85 -5.37 -19.22
N GLY B 164 -2.63 -6.29 -20.15
CA GLY B 164 -1.81 -7.47 -19.89
C GLY B 164 -1.63 -8.33 -21.13
N ASN B 165 -1.13 -9.54 -20.90
CA ASN B 165 -0.87 -10.49 -21.97
C ASN B 165 -2.09 -11.31 -22.33
N GLN B 166 -1.94 -12.21 -23.30
CA GLN B 166 -3.06 -13.01 -23.73
C GLN B 166 -3.60 -13.91 -22.62
N ALA B 167 -2.74 -14.49 -21.77
CA ALA B 167 -3.21 -15.26 -20.63
C ALA B 167 -4.16 -14.48 -19.73
N PHE B 168 -3.78 -13.23 -19.46
CA PHE B 168 -4.59 -12.33 -18.65
C PHE B 168 -5.94 -12.05 -19.35
N ALA B 169 -5.89 -11.73 -20.65
CA ALA B 169 -7.13 -11.49 -21.42
C ALA B 169 -8.06 -12.69 -21.36
N SER B 170 -7.47 -13.88 -21.51
CA SER B 170 -8.23 -15.13 -21.52
C SER B 170 -8.84 -15.41 -20.15
N TYR B 171 -8.08 -15.15 -19.08
CA TYR B 171 -8.61 -15.24 -17.76
C TYR B 171 -9.81 -14.34 -17.57
N MET B 172 -9.68 -13.08 -17.98
CA MET B 172 -10.80 -12.14 -17.83
C MET B 172 -11.97 -12.58 -18.67
C MET B 172 -11.98 -12.51 -18.71
N ASN B 173 -11.70 -13.02 -19.90
CA ASN B 173 -12.77 -13.44 -20.80
C ASN B 173 -13.59 -14.60 -20.21
N ASP B 174 -12.91 -15.53 -19.57
CA ASP B 174 -13.59 -16.61 -18.89
C ASP B 174 -14.38 -16.12 -17.67
N ALA B 175 -13.73 -15.33 -16.83
CA ALA B 175 -14.34 -14.83 -15.61
C ALA B 175 -15.56 -13.96 -15.85
N PHE B 176 -15.51 -13.20 -16.95
CA PHE B 176 -16.55 -12.23 -17.26
C PHE B 176 -17.47 -12.66 -18.40
N GLN B 177 -17.44 -13.95 -18.76
CA GLN B 177 -18.37 -14.52 -19.75
C GLN B 177 -18.37 -13.73 -21.05
N VAL B 178 -17.18 -13.41 -21.53
CA VAL B 178 -16.99 -12.54 -22.70
C VAL B 178 -17.34 -13.23 -24.02
N SER B 179 -17.41 -14.56 -24.04
CA SER B 179 -17.54 -15.31 -25.30
C SER B 179 -18.84 -15.02 -26.05
C SER B 179 -18.81 -14.95 -26.07
N SER B 180 -19.80 -14.41 -25.37
CA SER B 180 -20.99 -13.86 -26.04
C SER B 180 -21.34 -12.47 -25.53
N PRO B 181 -21.67 -11.52 -26.42
CA PRO B 181 -22.19 -10.26 -25.91
C PRO B 181 -23.48 -10.38 -25.11
N GLU B 182 -24.17 -11.51 -25.22
CA GLU B 182 -25.39 -11.73 -24.47
C GLU B 182 -25.10 -11.97 -23.01
N THR B 183 -23.90 -12.48 -22.71
CA THR B 183 -23.54 -12.88 -21.35
C THR B 183 -22.45 -11.99 -20.72
N THR B 184 -21.74 -11.21 -21.55
CA THR B 184 -20.58 -10.51 -21.04
C THR B 184 -20.92 -9.60 -19.87
N GLN B 185 -20.01 -9.59 -18.89
CA GLN B 185 -20.02 -8.65 -17.80
C GLN B 185 -18.80 -7.73 -17.82
N TYR B 186 -18.06 -7.77 -18.93
CA TYR B 186 -16.92 -6.87 -19.20
C TYR B 186 -17.22 -6.11 -20.50
N PHE B 187 -17.45 -4.82 -20.34
CA PHE B 187 -17.78 -3.88 -21.40
C PHE B 187 -16.56 -2.98 -21.58
N ARG B 188 -15.80 -3.26 -22.61
CA ARG B 188 -14.59 -2.52 -22.93
C ARG B 188 -14.97 -1.44 -23.96
N VAL B 189 -15.22 -0.23 -23.48
CA VAL B 189 -15.77 0.83 -24.31
C VAL B 189 -14.66 1.68 -24.92
N THR B 190 -14.76 1.84 -26.24
CA THR B 190 -13.78 2.61 -27.02
C THR B 190 -14.52 3.67 -27.80
N HIS B 191 -13.79 4.66 -28.31
CA HIS B 191 -14.37 5.81 -28.99
C HIS B 191 -13.57 6.19 -30.23
N SER B 192 -14.22 6.14 -31.41
CA SER B 192 -13.68 6.73 -32.62
C SER B 192 -12.25 6.18 -32.82
N ASN B 193 -11.28 7.07 -32.99
CA ASN B 193 -9.89 6.68 -33.23
C ASN B 193 -8.99 6.90 -31.99
N ASP B 194 -9.57 6.71 -30.80
CA ASP B 194 -8.80 6.73 -29.55
C ASP B 194 -7.49 5.97 -29.73
N GLY B 195 -6.39 6.61 -29.45
CA GLY B 195 -5.09 5.93 -29.60
C GLY B 195 -4.69 5.02 -28.45
N ILE B 196 -5.31 5.21 -27.29
CA ILE B 196 -4.86 4.50 -26.09
C ILE B 196 -5.16 2.97 -26.12
N PRO B 197 -6.32 2.56 -26.67
CA PRO B 197 -6.52 1.12 -26.85
C PRO B 197 -5.51 0.45 -27.75
N ASN B 198 -4.65 1.22 -28.45
CA ASN B 198 -3.61 0.61 -29.26
C ASN B 198 -2.30 0.50 -28.55
N LEU B 199 -2.27 0.80 -27.25
CA LEU B 199 -1.03 0.77 -26.46
C LEU B 199 -1.22 0.02 -25.16
N PRO B 200 -0.16 -0.65 -24.67
CA PRO B 200 1.08 -0.93 -25.39
C PRO B 200 0.81 -1.75 -26.64
N PRO B 201 1.73 -1.70 -27.61
CA PRO B 201 1.59 -2.47 -28.83
C PRO B 201 1.43 -3.98 -28.58
N ALA B 202 0.57 -4.61 -29.38
CA ALA B 202 0.35 -6.05 -29.34
C ALA B 202 1.66 -6.81 -29.53
N GLU B 203 2.56 -6.25 -30.34
CA GLU B 203 3.84 -6.90 -30.63
C GLU B 203 4.78 -6.98 -29.42
N GLN B 204 4.49 -6.21 -28.37
CA GLN B 204 5.22 -6.32 -27.09
C GLN B 204 4.63 -7.36 -26.13
N GLY B 205 3.67 -8.12 -26.63
CA GLY B 205 3.10 -9.23 -25.90
C GLY B 205 1.83 -8.89 -25.13
N TYR B 206 1.15 -7.84 -25.55
CA TYR B 206 -0.09 -7.38 -24.91
C TYR B 206 -1.30 -7.78 -25.72
N ALA B 207 -2.44 -7.90 -25.04
CA ALA B 207 -3.71 -8.28 -25.63
C ALA B 207 -4.85 -7.64 -24.86
N HIS B 208 -5.94 -7.38 -25.57
CA HIS B 208 -7.20 -6.99 -24.94
C HIS B 208 -8.08 -8.20 -24.66
N GLY B 209 -8.85 -8.12 -23.58
CA GLY B 209 -10.00 -8.94 -23.35
C GLY B 209 -11.26 -8.11 -23.45
N GLY B 210 -12.39 -8.70 -23.07
CA GLY B 210 -13.68 -7.99 -23.05
C GLY B 210 -14.36 -8.00 -24.41
N VAL B 211 -15.65 -7.64 -24.41
CA VAL B 211 -16.34 -7.29 -25.64
C VAL B 211 -16.12 -5.79 -25.83
N GLU B 212 -15.72 -5.42 -27.05
CA GLU B 212 -15.50 -3.99 -27.34
C GLU B 212 -16.84 -3.36 -27.71
N TYR B 213 -17.14 -2.24 -27.08
CA TYR B 213 -18.29 -1.40 -27.44
C TYR B 213 -17.70 -0.12 -28.05
N TRP B 214 -17.73 -0.03 -29.37
CA TRP B 214 -17.08 1.04 -30.10
C TRP B 214 -18.06 2.15 -30.40
N SER B 215 -17.93 3.24 -29.67
CA SER B 215 -18.73 4.43 -29.89
C SER B 215 -18.17 5.26 -31.03
N VAL B 216 -18.96 5.49 -32.07
CA VAL B 216 -18.60 6.44 -33.10
C VAL B 216 -19.54 7.66 -33.13
N ASP B 217 -19.08 8.76 -33.70
CA ASP B 217 -19.84 9.99 -33.66
C ASP B 217 -20.74 10.11 -34.87
N PRO B 218 -21.91 10.74 -34.68
CA PRO B 218 -22.43 11.25 -33.42
C PRO B 218 -22.91 10.13 -32.48
N TYR B 219 -22.48 10.22 -31.23
CA TYR B 219 -22.66 9.10 -30.31
C TYR B 219 -24.15 8.92 -29.94
N SER B 220 -24.52 7.65 -29.79
CA SER B 220 -25.89 7.23 -29.49
C SER B 220 -25.88 5.72 -29.38
N ALA B 221 -26.98 5.13 -28.91
CA ALA B 221 -27.11 3.70 -28.84
C ALA B 221 -26.96 3.07 -30.24
N GLN B 222 -27.54 3.74 -31.23
CA GLN B 222 -27.58 3.25 -32.58
C GLN B 222 -26.18 3.30 -33.21
N ASN B 223 -25.33 4.21 -32.71
CA ASN B 223 -23.97 4.39 -33.23
C ASN B 223 -22.91 3.85 -32.30
N THR B 224 -23.25 2.80 -31.57
CA THR B 224 -22.30 2.04 -30.79
C THR B 224 -22.27 0.64 -31.37
N PHE B 225 -21.08 0.23 -31.80
CA PHE B 225 -20.85 -1.09 -32.38
C PHE B 225 -20.44 -2.08 -31.30
N VAL B 226 -20.80 -3.35 -31.53
CA VAL B 226 -20.39 -4.45 -30.66
C VAL B 226 -19.35 -5.24 -31.44
N CYS B 227 -18.12 -5.29 -30.95
CA CYS B 227 -16.99 -5.85 -31.68
C CYS B 227 -16.42 -7.03 -30.89
N THR B 228 -16.39 -8.20 -31.55
CA THR B 228 -16.05 -9.47 -30.93
C THR B 228 -14.93 -10.15 -31.71
N GLY B 229 -14.26 -11.08 -31.06
CA GLY B 229 -13.21 -11.85 -31.72
C GLY B 229 -11.91 -11.11 -31.91
N ASP B 230 -11.05 -11.68 -32.74
CA ASP B 230 -9.68 -11.18 -32.90
C ASP B 230 -9.35 -10.42 -34.20
N GLU B 231 -10.31 -10.26 -35.13
CA GLU B 231 -10.06 -9.43 -36.32
C GLU B 231 -9.64 -8.02 -35.87
N VAL B 232 -8.71 -7.42 -36.60
CA VAL B 232 -8.38 -6.00 -36.41
C VAL B 232 -9.58 -5.24 -36.94
N GLN B 233 -10.21 -4.43 -36.08
CA GLN B 233 -11.47 -3.82 -36.40
C GLN B 233 -11.76 -2.68 -35.43
N CYS B 234 -12.85 -1.95 -35.68
CA CYS B 234 -13.36 -0.96 -34.74
C CYS B 234 -12.25 0.03 -34.31
N CYS B 235 -12.06 0.28 -33.02
CA CYS B 235 -11.12 1.30 -32.61
C CYS B 235 -9.70 0.96 -33.06
N GLU B 236 -9.34 -0.30 -32.94
CA GLU B 236 -7.96 -0.73 -33.22
C GLU B 236 -7.63 -0.39 -34.66
C GLU B 236 -7.58 -0.74 -34.67
N ALA B 237 -8.59 -0.65 -35.55
CA ALA B 237 -8.37 -0.45 -36.98
C ALA B 237 -8.22 1.01 -37.40
N GLN B 238 -8.53 1.95 -36.52
CA GLN B 238 -8.41 3.37 -36.89
C GLN B 238 -7.00 3.98 -36.85
N GLY B 239 -6.08 3.30 -36.17
CA GLY B 239 -4.69 3.75 -36.12
C GLY B 239 -4.42 5.02 -35.34
N GLY B 240 -5.29 5.36 -34.39
CA GLY B 240 -5.06 6.58 -33.60
C GLY B 240 -3.76 6.57 -32.83
N GLN B 241 -3.19 7.75 -32.63
CA GLN B 241 -1.89 7.92 -32.00
C GLN B 241 -2.06 8.52 -30.59
N GLY B 242 -1.83 7.71 -29.56
CA GLY B 242 -1.68 8.22 -28.21
C GLY B 242 -2.89 8.92 -27.68
N VAL B 243 -2.64 9.95 -26.87
CA VAL B 243 -3.72 10.75 -26.29
C VAL B 243 -4.19 11.71 -27.34
N ASN B 244 -5.36 11.44 -27.89
CA ASN B 244 -5.96 12.34 -28.88
C ASN B 244 -7.34 12.76 -28.40
N ASP B 245 -8.03 13.59 -29.16
CA ASP B 245 -9.28 14.14 -28.68
C ASP B 245 -10.29 12.99 -28.45
N ALA B 246 -10.23 11.96 -29.27
CA ALA B 246 -11.12 10.81 -29.09
C ALA B 246 -10.93 10.11 -27.73
N HIS B 247 -9.70 10.07 -27.25
CA HIS B 247 -9.44 9.50 -25.93
C HIS B 247 -10.04 10.32 -24.81
N THR B 248 -9.94 11.64 -24.89
CA THR B 248 -10.30 12.43 -23.71
C THR B 248 -11.80 12.63 -23.56
N THR B 249 -12.58 12.37 -24.61
CA THR B 249 -14.01 12.73 -24.63
C THR B 249 -14.85 11.46 -25.00
N TYR B 250 -15.54 10.92 -24.00
CA TYR B 250 -16.40 9.75 -24.16
C TYR B 250 -17.84 10.18 -23.95
N PHE B 251 -18.71 9.81 -24.91
CA PHE B 251 -20.14 10.25 -24.94
C PHE B 251 -20.26 11.72 -24.67
N GLY B 252 -19.36 12.47 -25.29
CA GLY B 252 -19.39 13.92 -25.21
C GLY B 252 -18.82 14.54 -23.95
N MET B 253 -18.35 13.71 -23.03
CA MET B 253 -17.84 14.17 -21.74
C MET B 253 -16.31 14.10 -21.71
N THR B 254 -15.68 15.26 -21.60
CA THR B 254 -14.23 15.37 -21.51
C THR B 254 -13.76 15.21 -20.08
N SER B 255 -12.68 14.45 -19.86
CA SER B 255 -12.19 14.19 -18.49
C SER B 255 -12.13 15.45 -17.66
N GLY B 256 -12.79 15.42 -16.49
CA GLY B 256 -12.78 16.54 -15.54
C GLY B 256 -13.52 17.81 -15.93
N ALA B 257 -14.27 17.82 -17.03
CA ALA B 257 -14.90 19.06 -17.52
C ALA B 257 -16.02 19.59 -16.61
N CYS B 258 -16.73 18.68 -15.97
CA CYS B 258 -17.85 19.04 -15.08
C CYS B 258 -18.96 19.87 -15.71
N THR B 259 -19.18 19.69 -17.00
CA THR B 259 -20.25 20.42 -17.69
C THR B 259 -21.41 19.51 -18.12
N TRP B 260 -21.33 18.23 -17.74
CA TRP B 260 -22.46 17.28 -17.74
C TRP B 260 -23.36 17.46 -16.52
#